data_3AXZ
#
_entry.id   3AXZ
#
_cell.length_a   94.970
_cell.length_b   94.970
_cell.length_c   177.890
_cell.angle_alpha   90.00
_cell.angle_beta   90.00
_cell.angle_gamma   120.00
#
_symmetry.space_group_name_H-M   'H 3 2'
#
loop_
_entity.id
_entity.type
_entity.pdbx_description
1 polymer 'tRNA (guanine-N(1)-)-methyltransferase'
2 non-polymer ADENOSINE
3 water water
#
_entity_poly.entity_id   1
_entity_poly.type   'polypeptide(L)'
_entity_poly.pdbx_seq_one_letter_code
;MGSSHHHHHHSSGLVPRGSHMWIGVISLFPEMFKAITEFGVTGRAVKHNLLKVECWNPRDFTFDKHKTVDDRPYGGGPGM
LMMVQPLRDAIHTAKAAAGEGAKVIYLSPQGRKLDQGGVTELAQNQKLILVCGRYEGIDERLIQTEIDEEWSIGDYVLTG
GELPAMTLIDAVARFIPGVLGKQASAEEDSFADGLLDCPHYTRPEVLEGLTVPPVLMSGHHEEIRKWRLKQSLQRTWLRR
PELLEGLALTDEQRKLLKEAQAEHNS
;
_entity_poly.pdbx_strand_id   A
#
loop_
_chem_comp.id
_chem_comp.type
_chem_comp.name
_chem_comp.formula
ADN non-polymer ADENOSINE 'C10 H13 N5 O4'
#
# COMPACT_ATOMS: atom_id res chain seq x y z
N VAL A 15 -5.13 -16.36 19.28
CA VAL A 15 -4.21 -15.74 18.28
C VAL A 15 -3.79 -14.33 18.71
N PRO A 16 -2.49 -14.14 19.05
CA PRO A 16 -1.97 -12.84 19.48
C PRO A 16 -2.46 -11.66 18.62
N ARG A 17 -3.37 -10.90 19.21
CA ARG A 17 -4.01 -9.75 18.57
C ARG A 17 -3.40 -8.44 19.10
N GLY A 18 -2.25 -8.56 19.75
CA GLY A 18 -1.57 -7.40 20.31
C GLY A 18 -1.70 -6.10 19.54
N SER A 19 -1.04 -6.04 18.39
CA SER A 19 -1.08 -4.83 17.56
C SER A 19 -2.16 -4.83 16.48
N HIS A 20 -3.34 -5.39 16.75
CA HIS A 20 -4.35 -5.40 15.71
C HIS A 20 -4.58 -3.99 15.16
N MET A 21 -5.10 -3.94 13.93
CA MET A 21 -5.34 -2.68 13.26
C MET A 21 -6.78 -2.60 12.79
N TRP A 22 -7.36 -1.41 12.88
CA TRP A 22 -8.73 -1.21 12.45
C TRP A 22 -8.75 -0.20 11.31
N ILE A 23 -9.39 -0.56 10.22
CA ILE A 23 -9.45 0.34 9.07
C ILE A 23 -10.89 0.61 8.68
N GLY A 24 -11.27 1.87 8.69
CA GLY A 24 -12.61 2.24 8.30
C GLY A 24 -12.54 2.61 6.84
N VAL A 25 -13.55 2.24 6.06
CA VAL A 25 -13.56 2.55 4.64
C VAL A 25 -14.87 3.14 4.18
N ILE A 26 -14.78 4.25 3.43
CA ILE A 26 -15.94 4.93 2.87
C ILE A 26 -15.87 4.63 1.38
N SER A 27 -16.85 3.89 0.86
CA SER A 27 -16.82 3.53 -0.56
C SER A 27 -18.18 3.18 -1.15
N LEU A 28 -18.38 3.55 -2.42
CA LEU A 28 -19.62 3.24 -3.12
C LEU A 28 -19.67 1.76 -3.52
N PHE A 29 -18.52 1.08 -3.38
CA PHE A 29 -18.43 -0.34 -3.73
C PHE A 29 -17.70 -1.17 -2.65
N PRO A 30 -18.30 -1.29 -1.47
CA PRO A 30 -17.72 -2.05 -0.35
C PRO A 30 -17.32 -3.46 -0.72
N GLU A 31 -18.10 -4.11 -1.58
CA GLU A 31 -17.78 -5.47 -2.00
C GLU A 31 -16.43 -5.64 -2.69
N MET A 32 -15.81 -4.54 -3.11
CA MET A 32 -14.51 -4.65 -3.76
C MET A 32 -13.47 -5.14 -2.74
N PHE A 33 -13.63 -4.72 -1.49
CA PHE A 33 -12.69 -5.08 -0.45
C PHE A 33 -12.58 -6.56 -0.10
N LYS A 34 -13.46 -7.37 -0.68
CA LYS A 34 -13.39 -8.80 -0.44
C LYS A 34 -12.08 -9.28 -1.05
N ALA A 35 -11.57 -8.52 -2.03
CA ALA A 35 -10.33 -8.87 -2.70
C ALA A 35 -9.22 -9.07 -1.68
N ILE A 36 -9.22 -8.25 -0.62
CA ILE A 36 -8.20 -8.42 0.42
C ILE A 36 -8.70 -9.06 1.71
N THR A 37 -9.99 -9.01 1.98
CA THR A 37 -10.47 -9.60 3.23
C THR A 37 -10.79 -11.07 3.13
N GLU A 38 -10.93 -11.59 1.91
CA GLU A 38 -11.25 -13.00 1.74
C GLU A 38 -10.15 -13.84 1.10
N PHE A 39 -8.97 -13.28 0.83
CA PHE A 39 -7.93 -14.07 0.18
C PHE A 39 -6.50 -13.86 0.68
N GLY A 40 -5.69 -14.92 0.58
CA GLY A 40 -4.30 -14.85 0.99
C GLY A 40 -4.00 -14.44 2.42
N VAL A 41 -2.80 -13.91 2.63
CA VAL A 41 -2.40 -13.49 3.98
C VAL A 41 -3.30 -12.41 4.59
N THR A 42 -3.79 -11.47 3.80
CA THR A 42 -4.65 -10.43 4.36
C THR A 42 -5.97 -11.04 4.77
N GLY A 43 -6.45 -12.01 4.00
CA GLY A 43 -7.69 -12.66 4.34
C GLY A 43 -7.56 -13.42 5.64
N ARG A 44 -6.44 -14.13 5.79
CA ARG A 44 -6.23 -14.87 7.03
C ARG A 44 -6.07 -13.87 8.16
N ALA A 45 -5.40 -12.75 7.88
CA ALA A 45 -5.21 -11.72 8.92
C ALA A 45 -6.55 -11.23 9.43
N VAL A 46 -7.50 -11.08 8.52
CA VAL A 46 -8.84 -10.63 8.88
C VAL A 46 -9.61 -11.68 9.66
N LYS A 47 -9.61 -12.92 9.18
CA LYS A 47 -10.32 -13.98 9.87
C LYS A 47 -9.76 -14.15 11.29
N HIS A 48 -8.46 -13.92 11.47
CA HIS A 48 -7.82 -14.04 12.78
C HIS A 48 -7.90 -12.78 13.65
N ASN A 49 -8.66 -11.79 13.19
CA ASN A 49 -8.83 -10.57 13.95
C ASN A 49 -7.58 -9.71 14.13
N LEU A 50 -6.56 -9.90 13.29
CA LEU A 50 -5.35 -9.09 13.38
C LEU A 50 -5.63 -7.78 12.63
N LEU A 51 -6.57 -7.87 11.69
CA LEU A 51 -6.93 -6.73 10.88
C LEU A 51 -8.44 -6.69 10.75
N LYS A 52 -9.01 -5.50 10.86
CA LYS A 52 -10.45 -5.36 10.73
C LYS A 52 -10.76 -4.23 9.77
N VAL A 53 -11.51 -4.54 8.73
CA VAL A 53 -11.92 -3.55 7.73
C VAL A 53 -13.42 -3.40 7.85
N GLU A 54 -13.87 -2.17 8.09
CA GLU A 54 -15.30 -1.89 8.22
C GLU A 54 -15.65 -0.87 7.14
N CYS A 55 -16.75 -1.10 6.42
CA CYS A 55 -17.14 -0.19 5.34
C CYS A 55 -18.47 0.54 5.55
N TRP A 56 -18.54 1.75 5.02
CA TRP A 56 -19.74 2.59 5.04
C TRP A 56 -19.90 3.06 3.60
N ASN A 57 -21.10 2.97 3.09
CA ASN A 57 -21.37 3.37 1.71
C ASN A 57 -22.24 4.64 1.65
N PRO A 58 -21.73 5.71 1.03
CA PRO A 58 -22.50 6.95 0.93
C PRO A 58 -23.92 6.73 0.44
N ARG A 59 -24.09 5.76 -0.45
CA ARG A 59 -25.42 5.50 -0.97
C ARG A 59 -26.44 5.24 0.13
N ASP A 60 -25.99 4.68 1.24
CA ASP A 60 -26.90 4.41 2.35
C ASP A 60 -27.30 5.68 3.09
N PHE A 61 -26.61 6.77 2.80
CA PHE A 61 -26.89 8.04 3.46
C PHE A 61 -27.65 9.05 2.60
N THR A 62 -28.20 8.58 1.49
CA THR A 62 -28.97 9.45 0.59
C THR A 62 -30.44 9.42 1.02
N PHE A 63 -31.21 10.44 0.62
CA PHE A 63 -32.61 10.49 0.99
C PHE A 63 -33.57 10.60 -0.21
N ASP A 64 -33.02 10.76 -1.41
CA ASP A 64 -33.86 10.87 -2.59
C ASP A 64 -34.23 9.46 -3.08
N LYS A 65 -35.34 9.36 -3.80
CA LYS A 65 -35.80 8.07 -4.29
C LYS A 65 -34.77 7.26 -5.08
N HIS A 66 -33.97 7.92 -5.91
CA HIS A 66 -32.98 7.21 -6.72
C HIS A 66 -31.60 7.05 -6.09
N LYS A 67 -31.47 7.47 -4.84
CA LYS A 67 -30.21 7.35 -4.09
C LYS A 67 -29.02 7.91 -4.87
N THR A 68 -29.14 9.18 -5.24
CA THR A 68 -28.10 9.87 -5.99
C THR A 68 -26.83 10.15 -5.19
N VAL A 69 -25.68 9.70 -5.70
CA VAL A 69 -24.41 9.90 -5.02
C VAL A 69 -23.40 10.73 -5.78
N ASP A 70 -23.82 11.32 -6.88
CA ASP A 70 -22.92 12.17 -7.66
C ASP A 70 -23.58 13.52 -7.84
N ASP A 71 -22.80 14.53 -8.22
CA ASP A 71 -23.33 15.87 -8.41
C ASP A 71 -22.46 16.55 -9.45
N ARG A 72 -22.98 17.63 -10.05
CA ARG A 72 -22.27 18.38 -11.08
C ARG A 72 -21.26 19.35 -10.48
N PRO A 73 -20.12 19.54 -11.15
CA PRO A 73 -19.11 20.45 -10.59
C PRO A 73 -19.39 21.91 -10.99
N TYR A 74 -19.09 22.83 -10.10
CA TYR A 74 -19.27 24.24 -10.41
C TYR A 74 -18.23 24.60 -11.45
N GLY A 75 -18.59 25.47 -12.39
CA GLY A 75 -17.67 25.88 -13.42
C GLY A 75 -17.73 24.99 -14.64
N GLY A 76 -18.70 24.08 -14.65
CA GLY A 76 -18.84 23.19 -15.78
C GLY A 76 -17.65 22.27 -15.92
N GLY A 77 -17.57 21.59 -17.05
CA GLY A 77 -16.47 20.66 -17.27
C GLY A 77 -17.02 19.27 -17.38
N PRO A 78 -16.26 18.33 -17.96
CA PRO A 78 -16.72 16.94 -18.10
C PRO A 78 -16.71 16.22 -16.76
N GLY A 79 -17.48 15.14 -16.65
CA GLY A 79 -17.50 14.37 -15.43
C GLY A 79 -18.30 14.95 -14.27
N MET A 80 -18.38 14.16 -13.21
CA MET A 80 -19.11 14.54 -12.01
C MET A 80 -18.20 14.44 -10.80
N LEU A 81 -18.77 14.74 -9.64
CA LEU A 81 -18.06 14.64 -8.38
C LEU A 81 -18.96 13.86 -7.45
N MET A 82 -18.42 13.47 -6.30
CA MET A 82 -19.23 12.76 -5.35
C MET A 82 -20.13 13.77 -4.67
N MET A 83 -21.39 13.41 -4.49
CA MET A 83 -22.34 14.32 -3.84
C MET A 83 -21.85 14.53 -2.42
N VAL A 84 -21.71 15.80 -2.04
CA VAL A 84 -21.23 16.18 -0.72
C VAL A 84 -21.98 15.61 0.48
N GLN A 85 -23.29 15.87 0.56
CA GLN A 85 -24.09 15.42 1.71
C GLN A 85 -23.98 13.93 2.06
N PRO A 86 -24.26 13.03 1.12
CA PRO A 86 -24.15 11.61 1.47
C PRO A 86 -22.73 11.20 1.86
N LEU A 87 -21.74 11.77 1.17
CA LEU A 87 -20.34 11.45 1.45
C LEU A 87 -19.95 11.95 2.83
N ARG A 88 -20.27 13.22 3.08
CA ARG A 88 -19.99 13.85 4.36
C ARG A 88 -20.63 13.05 5.50
N ASP A 89 -21.89 12.68 5.34
CA ASP A 89 -22.54 11.91 6.40
C ASP A 89 -21.87 10.55 6.68
N ALA A 90 -21.47 9.86 5.62
CA ALA A 90 -20.80 8.57 5.83
C ALA A 90 -19.50 8.76 6.62
N ILE A 91 -18.72 9.78 6.27
CA ILE A 91 -17.47 10.05 6.96
C ILE A 91 -17.68 10.32 8.44
N HIS A 92 -18.67 11.16 8.75
CA HIS A 92 -18.96 11.47 10.15
C HIS A 92 -19.34 10.21 10.92
N THR A 93 -20.11 9.35 10.27
CA THR A 93 -20.51 8.11 10.90
C THR A 93 -19.29 7.25 11.18
N ALA A 94 -18.39 7.17 10.22
CA ALA A 94 -17.17 6.39 10.38
C ALA A 94 -16.32 6.90 11.55
N LYS A 95 -16.12 8.23 11.61
CA LYS A 95 -15.33 8.82 12.69
C LYS A 95 -15.94 8.54 14.06
N ALA A 96 -17.26 8.62 14.16
CA ALA A 96 -17.93 8.35 15.43
C ALA A 96 -17.65 6.92 15.89
N ALA A 97 -17.62 5.99 14.95
CA ALA A 97 -17.36 4.59 15.25
C ALA A 97 -15.90 4.34 15.59
N ALA A 98 -15.00 5.05 14.93
CA ALA A 98 -13.57 4.87 15.16
C ALA A 98 -13.14 5.50 16.48
N GLY A 99 -13.84 6.54 16.89
CA GLY A 99 -13.51 7.19 18.14
C GLY A 99 -12.39 8.20 17.95
N GLU A 100 -11.79 8.63 19.05
CA GLU A 100 -10.70 9.59 19.02
C GLU A 100 -9.39 8.92 18.60
N GLY A 101 -8.52 9.68 17.95
CA GLY A 101 -7.25 9.15 17.51
C GLY A 101 -7.32 8.33 16.23
N ALA A 102 -8.12 8.80 15.27
CA ALA A 102 -8.25 8.09 13.99
C ALA A 102 -7.91 9.06 12.86
N LYS A 103 -6.79 8.79 12.21
CA LYS A 103 -6.31 9.60 11.11
C LYS A 103 -7.17 9.32 9.87
N VAL A 104 -7.77 10.37 9.29
CA VAL A 104 -8.60 10.19 8.10
C VAL A 104 -7.75 10.46 6.85
N ILE A 105 -7.73 9.50 5.94
CA ILE A 105 -6.95 9.59 4.71
C ILE A 105 -7.82 9.64 3.46
N TYR A 106 -7.47 10.50 2.52
CA TYR A 106 -8.18 10.56 1.25
C TYR A 106 -7.17 10.12 0.19
N LEU A 107 -7.54 9.14 -0.61
CA LEU A 107 -6.64 8.66 -1.65
C LEU A 107 -6.77 9.50 -2.92
N SER A 108 -5.65 9.97 -3.44
CA SER A 108 -5.66 10.79 -4.64
C SER A 108 -4.27 11.00 -5.18
N PRO A 109 -4.15 11.33 -6.48
CA PRO A 109 -2.86 11.58 -7.13
C PRO A 109 -2.15 12.82 -6.61
N GLN A 110 -2.90 13.75 -6.00
CA GLN A 110 -2.32 14.97 -5.47
C GLN A 110 -1.72 14.76 -4.09
N GLY A 111 -1.82 13.54 -3.57
CA GLY A 111 -1.31 13.28 -2.24
C GLY A 111 0.13 12.85 -2.18
N ARG A 112 0.61 12.63 -0.95
CA ARG A 112 1.97 12.20 -0.72
C ARG A 112 2.16 10.88 -1.45
N LYS A 113 3.27 10.72 -2.16
CA LYS A 113 3.45 9.47 -2.87
C LYS A 113 3.88 8.40 -1.90
N LEU A 114 3.14 7.30 -1.90
CA LEU A 114 3.42 6.20 -1.01
C LEU A 114 4.70 5.47 -1.41
N ASP A 115 5.49 5.09 -0.42
CA ASP A 115 6.70 4.30 -0.61
C ASP A 115 6.90 3.56 0.71
N GLN A 116 7.80 2.58 0.73
CA GLN A 116 8.06 1.79 1.93
C GLN A 116 8.13 2.62 3.23
N GLY A 117 8.90 3.71 3.20
CA GLY A 117 8.99 4.55 4.37
C GLY A 117 7.62 5.06 4.81
N GLY A 118 6.82 5.53 3.85
CA GLY A 118 5.50 6.04 4.16
C GLY A 118 4.60 4.95 4.73
N VAL A 119 4.75 3.73 4.22
CA VAL A 119 3.96 2.60 4.69
C VAL A 119 4.25 2.33 6.17
N THR A 120 5.53 2.26 6.52
CA THR A 120 5.88 1.99 7.91
C THR A 120 5.32 3.08 8.82
N GLU A 121 5.34 4.33 8.37
CA GLU A 121 4.80 5.41 9.18
C GLU A 121 3.30 5.18 9.39
N LEU A 122 2.60 4.82 8.31
CA LEU A 122 1.17 4.58 8.40
C LEU A 122 0.85 3.40 9.31
N ALA A 123 1.74 2.41 9.35
CA ALA A 123 1.54 1.23 10.18
C ALA A 123 1.60 1.54 11.68
N GLN A 124 2.03 2.75 12.03
CA GLN A 124 2.10 3.14 13.43
C GLN A 124 0.71 3.40 13.99
N ASN A 125 -0.21 3.77 13.11
CA ASN A 125 -1.59 4.05 13.50
C ASN A 125 -2.35 2.77 13.84
N GLN A 126 -3.19 2.85 14.85
CA GLN A 126 -3.98 1.69 15.27
C GLN A 126 -5.34 1.76 14.59
N LYS A 127 -5.72 2.96 14.18
CA LYS A 127 -6.99 3.18 13.50
C LYS A 127 -6.81 4.09 12.30
N LEU A 128 -7.48 3.77 11.21
CA LEU A 128 -7.42 4.58 10.01
C LEU A 128 -8.77 4.58 9.31
N ILE A 129 -9.09 5.70 8.68
CA ILE A 129 -10.31 5.80 7.92
C ILE A 129 -9.85 6.19 6.52
N LEU A 130 -10.19 5.38 5.51
CA LEU A 130 -9.81 5.65 4.14
C LEU A 130 -11.00 6.11 3.31
N VAL A 131 -10.89 7.30 2.72
CA VAL A 131 -11.98 7.82 1.89
C VAL A 131 -11.70 7.53 0.42
N CYS A 132 -12.51 6.69 -0.20
CA CYS A 132 -12.35 6.33 -1.61
C CYS A 132 -13.30 7.10 -2.50
N GLY A 133 -12.76 7.88 -3.42
CA GLY A 133 -13.63 8.64 -4.29
C GLY A 133 -13.92 7.96 -5.61
N ARG A 134 -14.95 8.42 -6.29
CA ARG A 134 -15.31 7.90 -7.61
C ARG A 134 -15.55 9.14 -8.46
N TYR A 135 -15.87 8.96 -9.73
CA TYR A 135 -16.08 10.10 -10.63
C TYR A 135 -14.78 10.91 -10.66
N GLU A 136 -14.87 12.24 -10.64
CA GLU A 136 -13.68 13.08 -10.67
C GLU A 136 -13.10 13.34 -9.28
N GLY A 137 -13.65 12.69 -8.26
CA GLY A 137 -13.13 12.90 -6.91
C GLY A 137 -14.12 13.54 -5.96
N ILE A 138 -13.61 14.27 -4.98
CA ILE A 138 -14.49 14.90 -3.99
C ILE A 138 -14.27 16.41 -3.86
N ASP A 139 -15.26 17.07 -3.29
CA ASP A 139 -15.20 18.51 -3.09
C ASP A 139 -13.94 18.91 -2.33
N GLU A 140 -13.21 19.88 -2.89
CA GLU A 140 -11.99 20.38 -2.28
C GLU A 140 -12.21 20.76 -0.81
N ARG A 141 -13.37 21.33 -0.49
CA ARG A 141 -13.65 21.74 0.88
C ARG A 141 -13.73 20.61 1.89
N LEU A 142 -14.16 19.43 1.46
CA LEU A 142 -14.25 18.29 2.38
C LEU A 142 -12.84 17.86 2.74
N ILE A 143 -11.93 18.01 1.80
CA ILE A 143 -10.55 17.65 2.07
C ILE A 143 -9.99 18.55 3.17
N GLN A 144 -10.43 19.81 3.20
CA GLN A 144 -9.94 20.75 4.21
C GLN A 144 -10.58 20.56 5.57
N THR A 145 -11.83 20.14 5.59
CA THR A 145 -12.55 19.98 6.84
C THR A 145 -12.68 18.56 7.39
N GLU A 146 -12.49 17.56 6.55
CA GLU A 146 -12.65 16.18 6.99
C GLU A 146 -11.40 15.31 6.86
N ILE A 147 -10.50 15.68 5.96
CA ILE A 147 -9.30 14.90 5.71
C ILE A 147 -8.04 15.35 6.44
N ASP A 148 -7.31 14.39 7.00
CA ASP A 148 -6.07 14.71 7.69
C ASP A 148 -4.89 14.66 6.74
N GLU A 149 -4.86 13.67 5.86
CA GLU A 149 -3.75 13.55 4.90
C GLU A 149 -4.22 12.93 3.59
N GLU A 150 -3.57 13.33 2.51
CA GLU A 150 -3.85 12.80 1.18
C GLU A 150 -2.68 11.92 0.79
N TRP A 151 -2.97 10.72 0.29
CA TRP A 151 -1.91 9.81 -0.13
C TRP A 151 -2.21 9.27 -1.52
N SER A 152 -1.15 9.14 -2.32
CA SER A 152 -1.27 8.59 -3.66
C SER A 152 -0.43 7.32 -3.74
N ILE A 153 -0.92 6.30 -4.45
CA ILE A 153 -0.14 5.07 -4.57
C ILE A 153 0.80 5.14 -5.78
N GLY A 154 0.66 6.18 -6.60
CA GLY A 154 1.53 6.30 -7.76
C GLY A 154 1.13 7.41 -8.71
N ASP A 155 2.07 7.83 -9.55
CA ASP A 155 1.80 8.91 -10.52
C ASP A 155 1.07 8.39 -11.75
N TYR A 156 -0.16 7.95 -11.53
CA TYR A 156 -1.04 7.44 -12.58
C TYR A 156 -2.46 7.62 -12.07
N VAL A 157 -3.43 7.71 -12.98
CA VAL A 157 -4.82 7.92 -12.61
C VAL A 157 -5.72 6.70 -12.69
N LEU A 158 -6.39 6.38 -11.58
CA LEU A 158 -7.29 5.23 -11.52
C LEU A 158 -8.74 5.71 -11.54
N THR A 159 -9.68 4.79 -11.76
CA THR A 159 -11.10 5.13 -11.82
C THR A 159 -11.76 5.29 -10.45
N GLY A 160 -11.04 4.93 -9.39
CA GLY A 160 -11.60 5.05 -8.05
C GLY A 160 -10.55 4.87 -6.99
N GLY A 161 -10.85 5.29 -5.76
CA GLY A 161 -9.89 5.14 -4.69
C GLY A 161 -9.84 3.77 -4.03
N GLU A 162 -10.73 2.86 -4.41
CA GLU A 162 -10.76 1.53 -3.81
C GLU A 162 -9.45 0.76 -3.97
N LEU A 163 -8.96 0.60 -5.20
CA LEU A 163 -7.71 -0.12 -5.40
C LEU A 163 -6.61 0.56 -4.60
N PRO A 164 -6.49 1.89 -4.72
CA PRO A 164 -5.44 2.55 -3.93
C PRO A 164 -5.62 2.28 -2.44
N ALA A 165 -6.87 2.31 -1.98
CA ALA A 165 -7.14 2.06 -0.58
C ALA A 165 -6.71 0.64 -0.21
N MET A 166 -7.04 -0.32 -1.08
CA MET A 166 -6.68 -1.71 -0.82
C MET A 166 -5.18 -1.93 -0.90
N THR A 167 -4.51 -1.16 -1.76
CA THR A 167 -3.07 -1.27 -1.90
C THR A 167 -2.45 -0.80 -0.58
N LEU A 168 -2.97 0.29 -0.05
CA LEU A 168 -2.46 0.83 1.20
C LEU A 168 -2.68 -0.16 2.35
N ILE A 169 -3.88 -0.72 2.44
CA ILE A 169 -4.16 -1.66 3.52
C ILE A 169 -3.25 -2.89 3.46
N ASP A 170 -3.10 -3.44 2.27
CA ASP A 170 -2.27 -4.62 2.07
C ASP A 170 -0.83 -4.33 2.51
N ALA A 171 -0.29 -3.20 2.08
CA ALA A 171 1.08 -2.83 2.43
C ALA A 171 1.30 -2.67 3.94
N VAL A 172 0.39 -1.98 4.63
CA VAL A 172 0.57 -1.79 6.07
C VAL A 172 0.32 -3.07 6.85
N ALA A 173 -0.59 -3.90 6.34
CA ALA A 173 -0.92 -5.16 7.00
C ALA A 173 0.31 -6.03 7.21
N ARG A 174 1.27 -5.97 6.28
CA ARG A 174 2.49 -6.77 6.40
C ARG A 174 3.32 -6.41 7.63
N PHE A 175 3.17 -5.17 8.11
CA PHE A 175 3.89 -4.69 9.26
C PHE A 175 3.20 -4.94 10.58
N ILE A 176 2.04 -5.60 10.52
CA ILE A 176 1.29 -5.93 11.74
C ILE A 176 1.87 -7.25 12.23
N PRO A 177 2.42 -7.27 13.45
CA PRO A 177 2.99 -8.51 13.98
C PRO A 177 2.00 -9.65 13.85
N GLY A 178 2.48 -10.78 13.34
CA GLY A 178 1.61 -11.94 13.20
C GLY A 178 0.98 -12.15 11.83
N VAL A 179 0.93 -11.10 11.01
CA VAL A 179 0.33 -11.23 9.70
C VAL A 179 1.16 -12.10 8.75
N LEU A 180 2.47 -11.89 8.73
CA LEU A 180 3.34 -12.68 7.87
C LEU A 180 3.74 -14.01 8.50
N ALA A 192 12.76 -3.61 0.65
CA ALA A 192 13.69 -4.35 1.50
C ALA A 192 14.67 -3.42 2.22
N ASP A 193 15.91 -3.87 2.32
CA ASP A 193 17.02 -3.15 2.97
C ASP A 193 17.33 -1.79 2.30
N GLY A 194 16.36 -1.29 1.53
CA GLY A 194 16.56 -0.04 0.82
C GLY A 194 16.96 -0.41 -0.60
N LEU A 195 17.16 -1.70 -0.82
CA LEU A 195 17.58 -2.24 -2.11
C LEU A 195 16.50 -3.15 -2.70
N LEU A 196 16.63 -3.43 -3.99
CA LEU A 196 15.69 -4.33 -4.66
C LEU A 196 16.00 -5.75 -4.19
N ASP A 197 15.04 -6.65 -4.35
CA ASP A 197 15.19 -8.05 -3.95
C ASP A 197 16.22 -8.78 -4.83
N CYS A 198 16.82 -9.83 -4.28
CA CYS A 198 17.77 -10.64 -5.02
C CYS A 198 16.93 -11.68 -5.77
N PRO A 199 17.51 -12.36 -6.78
CA PRO A 199 16.76 -13.37 -7.53
C PRO A 199 16.48 -14.57 -6.63
N HIS A 200 15.34 -15.23 -6.85
CA HIS A 200 14.97 -16.40 -6.07
C HIS A 200 14.90 -17.62 -6.97
N TYR A 201 15.20 -18.79 -6.42
CA TYR A 201 15.17 -20.03 -7.17
C TYR A 201 14.53 -21.17 -6.38
N THR A 202 13.92 -22.10 -7.10
CA THR A 202 13.30 -23.28 -6.51
C THR A 202 13.40 -24.41 -7.55
N ARG A 203 12.87 -25.58 -7.23
CA ARG A 203 12.93 -26.71 -8.16
C ARG A 203 12.37 -26.38 -9.54
N PRO A 204 12.95 -26.95 -10.61
CA PRO A 204 14.08 -27.89 -10.60
C PRO A 204 15.43 -27.20 -10.75
N GLU A 205 16.50 -27.96 -10.51
CA GLU A 205 17.87 -27.48 -10.61
C GLU A 205 18.15 -26.86 -11.98
N VAL A 206 17.62 -27.49 -13.03
CA VAL A 206 17.82 -26.98 -14.38
C VAL A 206 16.46 -26.75 -15.02
N LEU A 207 16.25 -25.53 -15.51
CA LEU A 207 15.00 -25.17 -16.15
C LEU A 207 15.36 -24.57 -17.49
N GLU A 208 15.00 -25.25 -18.57
CA GLU A 208 15.30 -24.79 -19.92
C GLU A 208 16.77 -24.39 -20.06
N GLY A 209 17.65 -25.30 -19.65
CA GLY A 209 19.08 -25.04 -19.74
C GLY A 209 19.64 -24.13 -18.67
N LEU A 210 18.77 -23.44 -17.93
CA LEU A 210 19.21 -22.52 -16.87
C LEU A 210 19.34 -23.24 -15.53
N THR A 211 20.55 -23.23 -14.99
CA THR A 211 20.85 -23.90 -13.73
C THR A 211 20.85 -22.93 -12.56
N VAL A 212 20.56 -23.48 -11.38
CA VAL A 212 20.54 -22.69 -10.16
C VAL A 212 21.98 -22.38 -9.77
N PRO A 213 22.26 -21.13 -9.33
CA PRO A 213 23.62 -20.75 -8.93
C PRO A 213 24.12 -21.67 -7.81
N PRO A 214 25.21 -22.43 -8.07
CA PRO A 214 25.84 -23.37 -7.14
C PRO A 214 25.91 -22.95 -5.67
N VAL A 215 26.29 -21.70 -5.42
CA VAL A 215 26.41 -21.20 -4.05
C VAL A 215 25.12 -21.46 -3.26
N LEU A 216 23.98 -21.29 -3.93
CA LEU A 216 22.69 -21.51 -3.29
C LEU A 216 22.50 -22.98 -2.91
N MET A 217 23.29 -23.85 -3.53
CA MET A 217 23.20 -25.27 -3.25
C MET A 217 24.30 -25.72 -2.28
N SER A 218 25.27 -24.83 -2.05
CA SER A 218 26.41 -25.14 -1.19
C SER A 218 26.07 -25.40 0.26
N GLY A 219 25.03 -24.73 0.77
CA GLY A 219 24.67 -24.90 2.16
C GLY A 219 25.46 -23.94 3.03
N HIS A 220 26.39 -23.23 2.40
CA HIS A 220 27.24 -22.26 3.10
C HIS A 220 26.44 -20.98 3.32
N HIS A 221 25.78 -20.89 4.47
CA HIS A 221 24.95 -19.74 4.80
C HIS A 221 25.61 -18.37 4.74
N GLU A 222 26.88 -18.28 5.11
CA GLU A 222 27.54 -16.99 5.07
C GLU A 222 27.79 -16.58 3.62
N GLU A 223 28.22 -17.51 2.78
CA GLU A 223 28.46 -17.18 1.39
C GLU A 223 27.13 -16.82 0.71
N ILE A 224 26.08 -17.55 1.06
CA ILE A 224 24.77 -17.32 0.48
C ILE A 224 24.28 -15.92 0.84
N ARG A 225 24.54 -15.51 2.08
CA ARG A 225 24.13 -14.20 2.55
C ARG A 225 24.78 -13.14 1.68
N LYS A 226 26.11 -13.24 1.56
CA LYS A 226 26.89 -12.30 0.75
C LYS A 226 26.48 -12.29 -0.72
N TRP A 227 26.27 -13.47 -1.28
CA TRP A 227 25.87 -13.55 -2.68
C TRP A 227 24.56 -12.81 -2.92
N ARG A 228 23.58 -13.01 -2.04
CA ARG A 228 22.29 -12.35 -2.17
C ARG A 228 22.39 -10.83 -2.03
N LEU A 229 23.20 -10.40 -1.07
CA LEU A 229 23.38 -8.98 -0.83
C LEU A 229 24.04 -8.33 -2.03
N LYS A 230 25.00 -9.02 -2.62
CA LYS A 230 25.70 -8.51 -3.79
C LYS A 230 24.73 -8.38 -4.97
N GLN A 231 23.88 -9.39 -5.15
CA GLN A 231 22.89 -9.37 -6.22
C GLN A 231 21.94 -8.18 -6.04
N SER A 232 21.48 -7.97 -4.81
CA SER A 232 20.59 -6.84 -4.54
C SER A 232 21.26 -5.52 -4.88
N LEU A 233 22.53 -5.38 -4.51
CA LEU A 233 23.26 -4.16 -4.78
C LEU A 233 23.44 -3.99 -6.29
N GLN A 234 23.85 -5.05 -6.97
CA GLN A 234 24.05 -4.99 -8.42
C GLN A 234 22.73 -4.64 -9.11
N ARG A 235 21.71 -5.42 -8.79
CA ARG A 235 20.39 -5.22 -9.37
C ARG A 235 19.87 -3.80 -9.12
N THR A 236 20.02 -3.30 -7.90
CA THR A 236 19.57 -1.95 -7.59
C THR A 236 20.38 -0.94 -8.40
N TRP A 237 21.68 -1.18 -8.51
CA TRP A 237 22.57 -0.30 -9.27
C TRP A 237 22.20 -0.25 -10.76
N LEU A 238 21.89 -1.41 -11.34
CA LEU A 238 21.55 -1.45 -12.76
C LEU A 238 20.13 -0.96 -13.11
N ARG A 239 19.16 -1.28 -12.27
CA ARG A 239 17.78 -0.88 -12.58
C ARG A 239 17.30 0.41 -11.97
N ARG A 240 17.73 0.71 -10.75
CA ARG A 240 17.28 1.90 -10.04
C ARG A 240 18.43 2.59 -9.32
N PRO A 241 19.45 3.04 -10.07
CA PRO A 241 20.58 3.71 -9.44
C PRO A 241 20.24 4.84 -8.46
N GLU A 242 19.13 5.55 -8.73
CA GLU A 242 18.76 6.63 -7.83
C GLU A 242 18.56 6.13 -6.41
N LEU A 243 18.04 4.92 -6.25
CA LEU A 243 17.82 4.37 -4.92
C LEU A 243 19.11 4.24 -4.10
N LEU A 244 20.26 4.15 -4.77
CA LEU A 244 21.52 4.01 -4.06
C LEU A 244 22.00 5.32 -3.43
N GLU A 245 21.70 6.44 -4.07
CA GLU A 245 22.10 7.73 -3.54
C GLU A 245 21.48 8.00 -2.17
N GLY A 246 20.27 7.50 -1.95
CA GLY A 246 19.60 7.71 -0.68
C GLY A 246 20.09 6.78 0.42
N LEU A 247 21.10 5.98 0.11
CA LEU A 247 21.63 5.04 1.09
C LEU A 247 23.05 5.33 1.56
N ALA A 248 23.32 4.98 2.80
CA ALA A 248 24.63 5.13 3.41
C ALA A 248 25.09 3.69 3.58
N LEU A 249 25.82 3.19 2.59
CA LEU A 249 26.29 1.81 2.57
C LEU A 249 27.28 1.43 3.67
N THR A 250 27.17 0.19 4.14
CA THR A 250 28.11 -0.29 5.14
C THR A 250 29.37 -0.62 4.35
N ASP A 251 30.47 -0.87 5.05
CA ASP A 251 31.72 -1.21 4.38
C ASP A 251 31.54 -2.49 3.55
N GLU A 252 30.78 -3.43 4.07
CA GLU A 252 30.55 -4.67 3.36
C GLU A 252 29.79 -4.39 2.06
N GLN A 253 28.75 -3.56 2.16
CA GLN A 253 27.96 -3.25 0.97
C GLN A 253 28.77 -2.48 -0.06
N ARG A 254 29.61 -1.55 0.39
CA ARG A 254 30.43 -0.79 -0.56
C ARG A 254 31.39 -1.72 -1.30
N LYS A 255 31.89 -2.71 -0.58
CA LYS A 255 32.81 -3.68 -1.16
C LYS A 255 32.10 -4.56 -2.20
N LEU A 256 30.96 -5.14 -1.80
CA LEU A 256 30.20 -6.00 -2.71
C LEU A 256 29.72 -5.25 -3.94
N LEU A 257 29.32 -4.00 -3.75
CA LEU A 257 28.85 -3.19 -4.88
C LEU A 257 30.02 -2.93 -5.83
N LYS A 258 31.16 -2.51 -5.29
CA LYS A 258 32.33 -2.24 -6.11
C LYS A 258 32.72 -3.50 -6.88
N GLU A 259 32.57 -4.65 -6.25
CA GLU A 259 32.86 -5.93 -6.88
C GLU A 259 31.93 -6.18 -8.06
N ALA A 260 30.63 -6.01 -7.83
CA ALA A 260 29.67 -6.24 -8.89
C ALA A 260 29.89 -5.31 -10.08
N GLN A 261 30.19 -4.05 -9.81
CA GLN A 261 30.43 -3.11 -10.88
C GLN A 261 31.68 -3.45 -11.68
N ALA A 262 32.71 -3.94 -10.99
CA ALA A 262 33.94 -4.34 -11.66
C ALA A 262 33.68 -5.54 -12.56
N GLU A 263 32.95 -6.53 -12.02
CA GLU A 263 32.64 -7.73 -12.78
C GLU A 263 31.73 -7.39 -13.96
N HIS A 264 30.91 -6.38 -13.78
CA HIS A 264 29.99 -5.99 -14.83
C HIS A 264 30.73 -5.24 -15.94
N ASN A 265 31.72 -4.44 -15.55
CA ASN A 265 32.51 -3.69 -16.52
C ASN A 265 33.45 -4.62 -17.29
N SER A 266 34.36 -5.27 -16.56
CA SER A 266 35.32 -6.18 -17.18
C SER A 266 34.62 -7.18 -18.10
O5' ADN B . -10.05 9.43 -9.73
C5' ADN B . -11.21 8.91 -9.08
C4' ADN B . -10.89 8.63 -7.61
O4' ADN B . -9.75 7.76 -7.52
C3' ADN B . -10.53 9.93 -6.87
O3' ADN B . -10.86 9.87 -5.49
C2' ADN B . -9.01 9.95 -7.07
O2' ADN B . -8.36 10.79 -6.11
C1' ADN B . -8.68 8.47 -6.87
N9 ADN B . -7.36 8.15 -7.45
C8 ADN B . -7.06 8.17 -8.76
N7 ADN B . -5.77 7.89 -8.91
C5 ADN B . -5.24 7.68 -7.71
C6 ADN B . -3.97 7.36 -7.25
N6 ADN B . -2.96 7.19 -8.10
N1 ADN B . -3.77 7.22 -5.94
C2 ADN B . -4.76 7.39 -5.08
N3 ADN B . -5.99 7.70 -5.48
C4 ADN B . -6.25 7.85 -6.79
#